data_3V6G
#
_entry.id   3V6G
#
_cell.length_a   91.396
_cell.length_b   119.924
_cell.length_c   30.878
_cell.angle_alpha   90.00
_cell.angle_beta   90.00
_cell.angle_gamma   90.00
#
_symmetry.space_group_name_H-M   'P 21 21 2'
#
loop_
_entity.id
_entity.type
_entity.pdbx_description
1 polymer 'PROBABLE TRANSCRIPTIONAL REGULATORY PROTEIN (PROBABLY DEOR-FAMILY)'
2 water water
#
_entity_poly.entity_id   1
_entity_poly.type   'polypeptide(L)'
_entity_poly.pdbx_seq_one_letter_code
;MTAGSDRRPRDPAGRRQAIVEAAERVIARQGLGGLSHRRVAAEANVPVGSTTYYFNDLDALREAALAHAANASADLLAQW
RSDLDKDRDLAATLARLTTVYLADQDRYRTLNELYMAAAHRPELQRLARLWPDGLLALLEPRIGRRAANAVTVFFDGATL
HALITGTPLSTDELTDAIARLVADGPEQREVGQSAHAGRTPDHHHHHH
;
_entity_poly.pdbx_strand_id   A,B
#
# COMPACT_ATOMS: atom_id res chain seq x y z
N GLY A 14 0.17 -29.73 6.01
CA GLY A 14 -0.55 -28.83 5.13
C GLY A 14 -1.27 -27.77 5.93
N ARG A 15 -2.00 -28.20 6.96
CA ARG A 15 -2.69 -27.27 7.83
C ARG A 15 -1.74 -26.38 8.63
N ARG A 16 -0.58 -26.94 9.00
CA ARG A 16 0.39 -26.15 9.73
C ARG A 16 0.77 -24.91 8.92
N GLN A 17 1.09 -25.10 7.65
CA GLN A 17 1.44 -23.98 6.77
C GLN A 17 0.29 -22.97 6.57
N ALA A 18 -0.95 -23.45 6.49
CA ALA A 18 -2.08 -22.53 6.41
C ALA A 18 -2.15 -21.67 7.66
N ILE A 19 -1.80 -22.25 8.81
CA ILE A 19 -1.78 -21.50 10.07
C ILE A 19 -0.66 -20.46 10.08
N VAL A 20 0.51 -20.84 9.58
CA VAL A 20 1.65 -19.92 9.52
C VAL A 20 1.30 -18.71 8.65
N GLU A 21 0.65 -18.95 7.53
CA GLU A 21 0.25 -17.85 6.63
C GLU A 21 -0.81 -16.96 7.27
N ALA A 22 -1.80 -17.57 7.90
CA ALA A 22 -2.79 -16.83 8.69
C ALA A 22 -2.11 -15.96 9.73
N ALA A 23 -1.07 -16.49 10.39
CA ALA A 23 -0.36 -15.71 11.39
C ALA A 23 0.28 -14.48 10.74
N GLU A 24 0.80 -14.65 9.54
CA GLU A 24 1.38 -13.51 8.82
C GLU A 24 0.35 -12.41 8.60
N ARG A 25 -0.87 -12.80 8.27
CA ARG A 25 -1.95 -11.83 8.09
C ARG A 25 -2.38 -11.18 9.41
N VAL A 26 -2.48 -11.97 10.47
CA VAL A 26 -2.85 -11.43 11.77
C VAL A 26 -1.78 -10.48 12.31
N ILE A 27 -0.51 -10.83 12.10
CA ILE A 27 0.58 -9.92 12.46
C ILE A 27 0.49 -8.62 11.65
N ALA A 28 0.11 -8.75 10.39
CA ALA A 28 -0.02 -7.58 9.52
C ALA A 28 -1.13 -6.65 9.99
N ARG A 29 -2.18 -7.22 10.57
CA ARG A 29 -3.35 -6.44 10.92
C ARG A 29 -3.38 -6.00 12.39
N GLN A 30 -2.67 -6.73 13.26
CA GLN A 30 -2.76 -6.52 14.70
C GLN A 30 -1.40 -6.25 15.33
N GLY A 31 -0.35 -6.45 14.56
CA GLY A 31 1.00 -6.28 15.06
C GLY A 31 1.58 -7.53 15.69
N LEU A 32 2.87 -7.49 15.98
CA LEU A 32 3.59 -8.63 16.54
C LEU A 32 3.01 -9.09 17.89
N GLY A 33 2.30 -8.18 18.56
CA GLY A 33 1.74 -8.50 19.87
C GLY A 33 0.27 -8.84 19.82
N GLY A 34 -0.36 -8.60 18.67
CA GLY A 34 -1.78 -8.84 18.51
C GLY A 34 -2.14 -10.27 18.10
N LEU A 35 -1.16 -11.16 18.17
CA LEU A 35 -1.36 -12.56 17.79
C LEU A 35 -2.18 -13.30 18.86
N SER A 36 -3.24 -13.97 18.45
CA SER A 36 -4.00 -14.83 19.37
C SER A 36 -4.51 -16.06 18.65
N HIS A 37 -4.78 -17.12 19.41
CA HIS A 37 -5.27 -18.35 18.81
C HIS A 37 -6.60 -18.15 18.10
N ARG A 38 -7.53 -17.46 18.77
CA ARG A 38 -8.82 -17.18 18.15
C ARG A 38 -8.66 -16.46 16.80
N ARG A 39 -7.75 -15.47 16.75
CA ARG A 39 -7.59 -14.67 15.53
C ARG A 39 -6.97 -15.45 14.38
N VAL A 40 -5.95 -16.24 14.70
CA VAL A 40 -5.31 -17.11 13.71
C VAL A 40 -6.26 -18.18 13.18
N ALA A 41 -7.00 -18.82 14.07
CA ALA A 41 -7.98 -19.81 13.67
C ALA A 41 -9.03 -19.21 12.73
N ALA A 42 -9.59 -18.07 13.13
CA ALA A 42 -10.54 -17.37 12.27
C ALA A 42 -9.93 -17.12 10.90
N GLU A 43 -8.69 -16.62 10.89
CA GLU A 43 -8.05 -16.22 9.66
C GLU A 43 -7.68 -17.42 8.79
N ALA A 44 -7.30 -18.54 9.40
CA ALA A 44 -6.94 -19.73 8.65
C ALA A 44 -8.19 -20.54 8.32
N ASN A 45 -9.30 -20.17 8.95
CA ASN A 45 -10.55 -20.90 8.80
C ASN A 45 -10.39 -22.35 9.27
N VAL A 46 -9.78 -22.52 10.44
CA VAL A 46 -9.61 -23.83 11.04
C VAL A 46 -9.98 -23.71 12.50
N PRO A 47 -10.26 -24.84 13.16
CA PRO A 47 -10.64 -24.75 14.57
C PRO A 47 -9.49 -24.31 15.46
N VAL A 48 -9.80 -23.70 16.59
CA VAL A 48 -8.75 -23.28 17.51
C VAL A 48 -7.99 -24.50 18.01
N GLY A 49 -8.66 -25.65 17.97
CA GLY A 49 -8.01 -26.92 18.31
C GLY A 49 -6.75 -27.11 17.48
N SER A 50 -6.81 -26.70 16.23
CA SER A 50 -5.69 -26.88 15.32
C SER A 50 -4.54 -25.93 15.63
N THR A 51 -4.85 -24.65 15.87
CA THR A 51 -3.77 -23.70 16.11
C THR A 51 -2.99 -24.12 17.36
N THR A 52 -3.72 -24.59 18.38
CA THR A 52 -3.10 -25.00 19.64
C THR A 52 -2.30 -26.29 19.52
N TYR A 53 -2.69 -27.17 18.61
CA TYR A 53 -1.90 -28.38 18.37
C TYR A 53 -0.55 -28.03 17.73
N TYR A 54 -0.59 -27.24 16.67
CA TYR A 54 0.64 -26.91 15.93
C TYR A 54 1.52 -25.90 16.62
N PHE A 55 0.88 -24.93 17.30
CA PHE A 55 1.62 -23.90 18.01
C PHE A 55 1.01 -23.56 19.36
N ASN A 56 1.27 -24.39 20.37
CA ASN A 56 0.79 -24.11 21.71
C ASN A 56 1.29 -22.74 22.20
N ASP A 57 2.53 -22.42 21.86
CA ASP A 57 3.12 -21.15 22.23
C ASP A 57 3.02 -20.14 21.08
N LEU A 58 2.33 -19.02 21.32
CA LEU A 58 2.16 -18.01 20.27
C LEU A 58 3.48 -17.40 19.82
N ASP A 59 4.49 -17.45 20.68
CA ASP A 59 5.81 -16.95 20.34
C ASP A 59 6.42 -17.79 19.22
N ALA A 60 6.19 -19.09 19.28
CA ALA A 60 6.69 -20.01 18.28
C ALA A 60 6.01 -19.78 16.94
N LEU A 61 4.72 -19.44 16.97
CA LEU A 61 4.00 -19.10 15.75
C LEU A 61 4.53 -17.83 15.12
N ARG A 62 4.75 -16.80 15.95
CA ARG A 62 5.32 -15.54 15.49
C ARG A 62 6.63 -15.77 14.77
N GLU A 63 7.51 -16.53 15.40
CA GLU A 63 8.81 -16.82 14.80
C GLU A 63 8.69 -17.53 13.46
N ALA A 64 7.78 -18.51 13.39
CA ALA A 64 7.57 -19.25 12.14
C ALA A 64 7.08 -18.34 11.02
N ALA A 65 6.16 -17.44 11.34
CA ALA A 65 5.63 -16.51 10.35
C ALA A 65 6.71 -15.54 9.86
N LEU A 66 7.50 -15.00 10.78
CA LEU A 66 8.55 -14.08 10.39
C LEU A 66 9.60 -14.80 9.54
N ALA A 67 9.94 -16.02 9.94
CA ALA A 67 10.87 -16.82 9.17
C ALA A 67 10.36 -17.15 7.78
N HIS A 68 9.08 -17.51 7.68
CA HIS A 68 8.49 -17.81 6.37
C HIS A 68 8.55 -16.60 5.45
N ALA A 69 8.23 -15.43 6.00
CA ALA A 69 8.15 -14.23 5.19
C ALA A 69 9.53 -13.82 4.70
N ALA A 70 10.52 -13.93 5.58
CA ALA A 70 11.90 -13.61 5.23
C ALA A 70 12.44 -14.57 4.17
N ASN A 71 12.16 -15.85 4.33
CA ASN A 71 12.53 -16.83 3.31
C ASN A 71 11.84 -16.60 1.95
N ALA A 72 10.56 -16.21 1.99
CA ALA A 72 9.83 -16.00 0.74
C ALA A 72 10.43 -14.81 0.00
N SER A 73 10.80 -13.79 0.76
CA SER A 73 11.39 -12.59 0.19
C SER A 73 12.75 -12.94 -0.44
N ALA A 74 13.54 -13.76 0.25
CA ALA A 74 14.83 -14.19 -0.29
C ALA A 74 14.63 -15.02 -1.57
N ASP A 75 13.63 -15.89 -1.54
CA ASP A 75 13.34 -16.76 -2.68
C ASP A 75 12.93 -15.94 -3.90
N LEU A 76 12.12 -14.92 -3.68
CA LEU A 76 11.68 -14.04 -4.77
C LEU A 76 12.86 -13.28 -5.36
N LEU A 77 13.66 -12.66 -4.50
CA LEU A 77 14.85 -11.95 -4.96
C LEU A 77 15.77 -12.87 -5.77
N ALA A 78 15.91 -14.12 -5.35
CA ALA A 78 16.75 -15.10 -6.05
C ALA A 78 16.21 -15.37 -7.45
N GLN A 79 14.89 -15.47 -7.56
CA GLN A 79 14.23 -15.68 -8.86
C GLN A 79 14.41 -14.49 -9.79
N TRP A 80 14.28 -13.29 -9.25
CA TRP A 80 14.52 -12.09 -10.04
C TRP A 80 15.97 -12.03 -10.51
N ARG A 81 16.91 -12.30 -9.60
CA ARG A 81 18.31 -12.21 -9.95
C ARG A 81 18.61 -13.18 -11.08
N SER A 82 18.00 -14.36 -10.99
CA SER A 82 18.20 -15.40 -11.98
C SER A 82 17.79 -14.94 -13.38
N ASP A 83 16.60 -14.35 -13.50
CA ASP A 83 16.10 -13.96 -14.81
C ASP A 83 16.79 -12.69 -15.32
N LEU A 84 17.27 -11.88 -14.39
CA LEU A 84 17.97 -10.65 -14.74
C LEU A 84 19.42 -10.95 -15.15
N ASP A 85 19.86 -12.17 -14.89
CA ASP A 85 21.24 -12.54 -15.24
C ASP A 85 21.39 -13.00 -16.69
N LYS A 86 20.73 -12.30 -17.61
CA LYS A 86 20.95 -12.50 -19.03
C LYS A 86 21.56 -11.22 -19.58
N ASP A 87 21.71 -10.22 -18.71
CA ASP A 87 22.19 -8.89 -19.08
C ASP A 87 21.56 -8.40 -20.38
N ARG A 88 20.31 -8.79 -20.62
CA ARG A 88 19.61 -8.42 -21.85
C ARG A 88 18.15 -8.11 -21.58
N ASP A 89 17.63 -7.10 -22.27
CA ASP A 89 16.18 -6.88 -22.30
C ASP A 89 15.66 -6.56 -20.90
N LEU A 90 16.32 -5.64 -20.22
CA LEU A 90 16.00 -5.38 -18.81
C LEU A 90 14.56 -4.93 -18.53
N ALA A 91 14.08 -3.91 -19.24
CA ALA A 91 12.73 -3.40 -18.98
C ALA A 91 11.69 -4.49 -19.17
N ALA A 92 11.81 -5.27 -20.23
CA ALA A 92 10.82 -6.31 -20.45
C ALA A 92 10.96 -7.44 -19.43
N THR A 93 12.18 -7.74 -19.03
CA THR A 93 12.38 -8.78 -18.02
C THR A 93 11.74 -8.36 -16.70
N LEU A 94 11.98 -7.12 -16.29
CA LEU A 94 11.35 -6.61 -15.06
C LEU A 94 9.82 -6.59 -15.16
N ALA A 95 9.29 -6.24 -16.32
CA ALA A 95 7.84 -6.20 -16.53
C ALA A 95 7.24 -7.59 -16.41
N ARG A 96 7.88 -8.58 -17.02
CA ARG A 96 7.41 -9.97 -16.94
C ARG A 96 7.42 -10.50 -15.50
N LEU A 97 8.51 -10.24 -14.79
CA LEU A 97 8.62 -10.60 -13.37
C LEU A 97 7.54 -9.96 -12.51
N THR A 98 7.28 -8.68 -12.79
CA THR A 98 6.24 -7.95 -12.08
C THR A 98 4.87 -8.54 -12.39
N THR A 99 4.64 -8.85 -13.66
CA THR A 99 3.37 -9.46 -14.04
C THR A 99 3.19 -10.79 -13.32
N VAL A 100 4.25 -11.58 -13.25
CA VAL A 100 4.18 -12.84 -12.51
C VAL A 100 3.77 -12.58 -11.06
N TYR A 101 4.38 -11.58 -10.43
CA TYR A 101 4.08 -11.26 -9.05
C TYR A 101 2.62 -10.82 -8.87
N LEU A 102 2.17 -9.89 -9.71
CA LEU A 102 0.82 -9.35 -9.59
C LEU A 102 -0.25 -10.42 -9.86
N ALA A 103 0.09 -11.39 -10.70
CA ALA A 103 -0.88 -12.42 -11.09
C ALA A 103 -0.99 -13.52 -10.03
N ASP A 104 0.04 -13.68 -9.21
CA ASP A 104 0.12 -14.79 -8.26
C ASP A 104 -0.39 -14.44 -6.87
N GLN A 105 -1.65 -14.05 -6.77
CA GLN A 105 -2.22 -13.65 -5.48
C GLN A 105 -2.31 -14.82 -4.48
N ASP A 106 -2.59 -16.01 -4.98
CA ASP A 106 -2.64 -17.20 -4.13
C ASP A 106 -1.29 -17.46 -3.44
N ARG A 107 -0.22 -16.99 -4.05
CA ARG A 107 1.12 -17.24 -3.54
C ARG A 107 1.61 -16.09 -2.67
N TYR A 108 1.33 -14.85 -3.10
CA TYR A 108 1.98 -13.69 -2.48
C TYR A 108 1.05 -12.74 -1.73
N ARG A 109 -0.26 -12.95 -1.83
CA ARG A 109 -1.23 -12.08 -1.19
C ARG A 109 -0.86 -11.82 0.26
N THR A 110 -0.54 -12.90 0.98
CA THR A 110 -0.24 -12.83 2.40
C THR A 110 1.05 -12.07 2.65
N LEU A 111 2.07 -12.36 1.86
CA LEU A 111 3.38 -11.78 2.07
C LEU A 111 3.36 -10.31 1.71
N ASN A 112 2.57 -9.98 0.70
CA ASN A 112 2.37 -8.59 0.34
C ASN A 112 1.64 -7.81 1.45
N GLU A 113 0.67 -8.44 2.10
CA GLU A 113 -0.03 -7.76 3.18
C GLU A 113 0.94 -7.42 4.33
N LEU A 114 1.80 -8.38 4.65
CA LEU A 114 2.75 -8.19 5.73
C LEU A 114 3.77 -7.11 5.34
N TYR A 115 4.12 -7.08 4.06
CA TYR A 115 5.04 -6.08 3.52
C TYR A 115 4.46 -4.69 3.67
N MET A 116 3.22 -4.53 3.19
CA MET A 116 2.57 -3.23 3.25
C MET A 116 2.33 -2.76 4.66
N ALA A 117 2.02 -3.69 5.56
CA ALA A 117 1.71 -3.31 6.92
C ALA A 117 2.86 -2.56 7.56
N ALA A 118 4.07 -2.77 7.05
CA ALA A 118 5.23 -2.09 7.61
C ALA A 118 5.14 -0.58 7.40
N ALA A 119 4.26 -0.15 6.51
CA ALA A 119 4.18 1.26 6.18
C ALA A 119 3.74 2.08 7.38
N HIS A 120 2.94 1.46 8.25
CA HIS A 120 2.42 2.10 9.45
C HIS A 120 2.62 1.24 10.70
N ARG A 121 3.48 0.22 10.61
CA ARG A 121 3.94 -0.52 11.78
C ARG A 121 5.45 -0.68 11.71
N PRO A 122 6.17 0.23 12.38
CA PRO A 122 7.64 0.30 12.42
C PRO A 122 8.33 -1.03 12.74
N GLU A 123 7.70 -1.85 13.58
CA GLU A 123 8.32 -3.09 14.01
C GLU A 123 8.43 -4.11 12.86
N LEU A 124 7.67 -3.87 11.79
CA LEU A 124 7.67 -4.77 10.63
C LEU A 124 8.57 -4.28 9.50
N GLN A 125 9.25 -3.16 9.73
CA GLN A 125 10.01 -2.53 8.66
C GLN A 125 11.32 -3.23 8.31
N ARG A 126 12.03 -3.75 9.31
CA ARG A 126 13.27 -4.46 9.00
C ARG A 126 13.00 -5.65 8.07
N LEU A 127 11.91 -6.36 8.34
CA LEU A 127 11.50 -7.48 7.48
C LEU A 127 11.12 -7.01 6.09
N ALA A 128 10.26 -6.00 6.03
CA ALA A 128 9.79 -5.46 4.75
C ALA A 128 10.94 -4.97 3.87
N ARG A 129 11.93 -4.36 4.51
CA ARG A 129 12.99 -3.70 3.75
C ARG A 129 13.90 -4.66 3.01
N LEU A 130 13.88 -5.93 3.38
CA LEU A 130 14.66 -6.91 2.63
C LEU A 130 14.36 -6.81 1.13
N TRP A 131 13.10 -6.61 0.78
CA TRP A 131 12.72 -6.60 -0.63
C TRP A 131 13.33 -5.43 -1.42
N PRO A 132 12.96 -4.18 -1.08
CA PRO A 132 13.53 -3.05 -1.84
C PRO A 132 15.05 -2.95 -1.72
N ASP A 133 15.61 -3.31 -0.57
CA ASP A 133 17.06 -3.31 -0.43
C ASP A 133 17.69 -4.33 -1.37
N GLY A 134 17.03 -5.49 -1.48
CA GLY A 134 17.49 -6.55 -2.36
C GLY A 134 17.35 -6.14 -3.83
N LEU A 135 16.25 -5.49 -4.15
CA LEU A 135 16.02 -5.03 -5.51
C LEU A 135 17.06 -3.97 -5.91
N LEU A 136 17.36 -3.07 -4.99
CA LEU A 136 18.36 -2.03 -5.23
C LEU A 136 19.74 -2.62 -5.50
N ALA A 137 20.13 -3.62 -4.72
CA ALA A 137 21.42 -4.27 -4.92
C ALA A 137 21.47 -4.91 -6.29
N LEU A 138 20.34 -5.46 -6.75
CA LEU A 138 20.30 -6.07 -8.07
C LEU A 138 20.45 -5.03 -9.17
N LEU A 139 19.80 -3.88 -8.99
CA LEU A 139 19.62 -2.96 -10.11
C LEU A 139 20.61 -1.80 -10.12
N GLU A 140 21.00 -1.32 -8.95
CA GLU A 140 21.86 -0.15 -8.85
C GLU A 140 23.10 -0.21 -9.76
N PRO A 141 23.86 -1.32 -9.71
CA PRO A 141 25.08 -1.39 -10.54
C PRO A 141 24.76 -1.41 -12.02
N ARG A 142 23.55 -1.85 -12.37
CA ARG A 142 23.18 -1.94 -13.77
C ARG A 142 22.64 -0.62 -14.35
N ILE A 143 21.84 0.09 -13.58
CA ILE A 143 21.14 1.26 -14.10
C ILE A 143 21.25 2.51 -13.24
N GLY A 144 21.97 2.40 -12.13
CA GLY A 144 22.20 3.54 -11.26
C GLY A 144 21.14 3.69 -10.19
N ARG A 145 21.43 4.51 -9.19
CA ARG A 145 20.55 4.69 -8.04
C ARG A 145 19.21 5.33 -8.38
N ARG A 146 19.25 6.39 -9.19
CA ARG A 146 18.00 7.05 -9.60
C ARG A 146 17.04 6.06 -10.21
N ALA A 147 17.50 5.37 -11.25
CA ALA A 147 16.64 4.46 -12.00
C ALA A 147 16.21 3.30 -11.14
N ALA A 148 17.13 2.72 -10.39
CA ALA A 148 16.79 1.59 -9.54
C ALA A 148 15.74 1.99 -8.52
N ASN A 149 15.87 3.17 -7.92
CA ASN A 149 14.85 3.64 -6.98
C ASN A 149 13.51 3.91 -7.66
N ALA A 150 13.58 4.47 -8.85
CA ALA A 150 12.34 4.75 -9.58
C ALA A 150 11.60 3.45 -9.87
N VAL A 151 12.33 2.41 -10.24
CA VAL A 151 11.75 1.11 -10.57
C VAL A 151 11.16 0.44 -9.33
N THR A 152 11.87 0.53 -8.20
CA THR A 152 11.35 -0.08 -6.98
C THR A 152 10.09 0.64 -6.50
N VAL A 153 10.04 1.96 -6.67
CA VAL A 153 8.85 2.72 -6.31
C VAL A 153 7.68 2.31 -7.23
N PHE A 154 7.97 2.18 -8.51
CA PHE A 154 6.94 1.79 -9.48
C PHE A 154 6.39 0.41 -9.16
N PHE A 155 7.27 -0.53 -8.82
CA PHE A 155 6.83 -1.88 -8.44
C PHE A 155 5.86 -1.84 -7.25
N ASP A 156 6.24 -1.11 -6.21
CA ASP A 156 5.37 -0.97 -5.04
C ASP A 156 4.02 -0.38 -5.44
N GLY A 157 4.05 0.62 -6.31
CA GLY A 157 2.85 1.22 -6.84
C GLY A 157 2.01 0.24 -7.65
N ALA A 158 2.67 -0.57 -8.49
CA ALA A 158 1.93 -1.53 -9.32
C ALA A 158 1.20 -2.53 -8.43
N THR A 159 1.85 -2.96 -7.36
CA THR A 159 1.24 -3.96 -6.48
C THR A 159 0.06 -3.38 -5.72
N LEU A 160 0.21 -2.17 -5.22
CA LEU A 160 -0.88 -1.52 -4.46
C LEU A 160 -2.05 -1.14 -5.35
N HIS A 161 -1.74 -0.47 -6.45
CA HIS A 161 -2.79 -0.04 -7.35
C HIS A 161 -3.59 -1.23 -7.89
N ALA A 162 -2.89 -2.34 -8.13
CA ALA A 162 -3.55 -3.55 -8.64
C ALA A 162 -4.57 -4.07 -7.63
N LEU A 163 -4.17 -4.09 -6.37
CA LEU A 163 -5.06 -4.59 -5.34
C LEU A 163 -6.24 -3.65 -5.12
N ILE A 164 -5.99 -2.36 -5.13
CA ILE A 164 -7.05 -1.38 -4.91
C ILE A 164 -8.07 -1.38 -6.05
N THR A 165 -7.59 -1.26 -7.28
CA THR A 165 -8.47 -1.15 -8.46
C THR A 165 -9.00 -2.52 -8.92
N GLY A 166 -8.34 -3.60 -8.52
CA GLY A 166 -8.80 -4.93 -8.86
C GLY A 166 -8.16 -5.52 -10.10
N THR A 167 -7.45 -4.69 -10.86
CA THR A 167 -6.77 -5.17 -12.07
C THR A 167 -5.35 -4.59 -12.20
N PRO A 168 -4.39 -5.45 -12.58
CA PRO A 168 -2.99 -4.99 -12.71
C PRO A 168 -2.73 -4.26 -14.03
N LEU A 169 -1.69 -3.45 -14.08
CA LEU A 169 -1.20 -2.93 -15.34
C LEU A 169 -0.78 -4.09 -16.22
N SER A 170 -1.05 -3.98 -17.52
CA SER A 170 -0.61 -4.99 -18.48
C SER A 170 0.91 -5.09 -18.59
N THR A 171 1.40 -6.25 -19.02
CA THR A 171 2.85 -6.41 -19.17
C THR A 171 3.38 -5.38 -20.17
N ASP A 172 2.61 -5.15 -21.23
CA ASP A 172 2.93 -4.10 -22.22
C ASP A 172 3.16 -2.74 -21.55
N GLU A 173 2.19 -2.31 -20.74
CA GLU A 173 2.30 -1.03 -20.07
C GLU A 173 3.42 -1.00 -19.03
N LEU A 174 3.64 -2.12 -18.34
CA LEU A 174 4.74 -2.16 -17.37
C LEU A 174 6.07 -1.98 -18.08
N THR A 175 6.21 -2.62 -19.24
CA THR A 175 7.47 -2.55 -19.96
C THR A 175 7.73 -1.11 -20.41
N ASP A 176 6.69 -0.49 -20.95
CA ASP A 176 6.76 0.87 -21.46
C ASP A 176 7.17 1.85 -20.35
N ALA A 177 6.49 1.77 -19.21
CA ALA A 177 6.82 2.66 -18.09
C ALA A 177 8.21 2.40 -17.50
N ILE A 178 8.55 1.13 -17.36
CA ILE A 178 9.87 0.81 -16.80
C ILE A 178 10.97 1.26 -17.76
N ALA A 179 10.75 1.06 -19.05
CA ALA A 179 11.70 1.54 -20.05
C ALA A 179 11.90 3.05 -19.93
N ARG A 180 10.80 3.79 -19.76
CA ARG A 180 10.87 5.23 -19.57
C ARG A 180 11.66 5.63 -18.32
N LEU A 181 11.52 4.86 -17.24
CA LEU A 181 12.19 5.18 -15.98
C LEU A 181 13.69 4.87 -16.02
N VAL A 182 14.07 3.82 -16.74
CA VAL A 182 15.47 3.41 -16.75
C VAL A 182 16.31 4.02 -17.86
N ALA A 183 15.67 4.70 -18.81
CA ALA A 183 16.37 5.26 -19.97
C ALA A 183 17.33 6.38 -19.56
N ASP A 184 18.39 6.57 -20.35
CA ASP A 184 19.28 7.69 -20.08
C ASP A 184 18.52 9.01 -20.06
N GLY A 185 18.89 9.89 -19.14
CA GLY A 185 18.28 11.21 -19.04
C GLY A 185 18.04 11.90 -20.38
N GLY B 14 -18.50 20.51 19.12
CA GLY B 14 -18.04 19.72 17.97
C GLY B 14 -17.61 18.31 18.33
N ARG B 15 -18.32 17.72 19.30
CA ARG B 15 -17.98 16.39 19.81
C ARG B 15 -18.20 15.30 18.75
N ARG B 16 -19.33 15.37 18.05
CA ARG B 16 -19.69 14.35 17.07
C ARG B 16 -18.64 14.24 15.99
N GLN B 17 -18.24 15.37 15.43
CA GLN B 17 -17.23 15.38 14.38
C GLN B 17 -15.91 14.78 14.86
N ALA B 18 -15.54 15.06 16.10
CA ALA B 18 -14.26 14.55 16.63
C ALA B 18 -14.30 13.04 16.78
N ILE B 19 -15.49 12.51 17.05
CA ILE B 19 -15.71 11.08 17.18
C ILE B 19 -15.63 10.40 15.82
N VAL B 20 -16.22 11.01 14.81
CA VAL B 20 -16.15 10.50 13.44
C VAL B 20 -14.70 10.43 12.95
N GLU B 21 -13.94 11.49 13.18
CA GLU B 21 -12.57 11.55 12.70
C GLU B 21 -11.71 10.53 13.45
N ALA B 22 -12.03 10.31 14.72
CA ALA B 22 -11.30 9.29 15.49
C ALA B 22 -11.61 7.93 14.89
N ALA B 23 -12.85 7.75 14.47
CA ALA B 23 -13.28 6.49 13.91
C ALA B 23 -12.53 6.21 12.59
N GLU B 24 -12.31 7.25 11.79
CA GLU B 24 -11.43 7.09 10.61
C GLU B 24 -10.08 6.47 10.98
N ARG B 25 -9.44 7.03 12.01
CA ARG B 25 -8.11 6.58 12.40
C ARG B 25 -8.14 5.16 12.95
N VAL B 26 -9.18 4.81 13.70
CA VAL B 26 -9.31 3.46 14.21
C VAL B 26 -9.51 2.45 13.08
N ILE B 27 -10.33 2.82 12.10
CA ILE B 27 -10.64 1.93 10.99
C ILE B 27 -9.40 1.71 10.12
N ALA B 28 -8.60 2.75 9.95
CA ALA B 28 -7.38 2.61 9.17
C ALA B 28 -6.46 1.59 9.82
N ARG B 29 -6.43 1.59 11.15
CA ARG B 29 -5.51 0.72 11.88
C ARG B 29 -6.08 -0.66 12.19
N GLN B 30 -7.40 -0.75 12.34
CA GLN B 30 -8.00 -2.00 12.80
C GLN B 30 -8.98 -2.62 11.83
N GLY B 31 -9.35 -1.88 10.79
CA GLY B 31 -10.37 -2.33 9.86
C GLY B 31 -11.74 -2.02 10.40
N LEU B 32 -12.76 -2.21 9.57
CA LEU B 32 -14.12 -1.87 10.00
C LEU B 32 -14.54 -2.77 11.17
N GLY B 33 -14.00 -3.98 11.20
CA GLY B 33 -14.34 -4.93 12.23
C GLY B 33 -13.65 -4.65 13.55
N GLY B 34 -12.51 -3.98 13.51
CA GLY B 34 -11.81 -3.60 14.71
C GLY B 34 -12.37 -2.35 15.37
N LEU B 35 -13.35 -1.72 14.72
CA LEU B 35 -13.99 -0.54 15.28
C LEU B 35 -14.80 -0.88 16.53
N SER B 36 -14.54 -0.16 17.62
CA SER B 36 -15.30 -0.33 18.85
C SER B 36 -15.46 1.01 19.54
N HIS B 37 -16.49 1.14 20.37
CA HIS B 37 -16.70 2.38 21.10
C HIS B 37 -15.50 2.73 21.99
N ARG B 38 -14.97 1.76 22.72
CA ARG B 38 -13.84 2.06 23.59
C ARG B 38 -12.61 2.52 22.82
N ARG B 39 -12.35 1.91 21.67
CA ARG B 39 -11.20 2.31 20.85
C ARG B 39 -11.36 3.72 20.29
N VAL B 40 -12.57 4.04 19.85
CA VAL B 40 -12.86 5.36 19.32
C VAL B 40 -12.80 6.39 20.44
N ALA B 41 -13.37 6.05 21.59
CA ALA B 41 -13.34 6.94 22.74
C ALA B 41 -11.88 7.31 23.06
N ALA B 42 -11.01 6.30 23.06
CA ALA B 42 -9.60 6.50 23.40
C ALA B 42 -8.92 7.39 22.36
N GLU B 43 -9.17 7.10 21.09
CA GLU B 43 -8.55 7.84 20.00
C GLU B 43 -9.01 9.30 19.97
N ALA B 44 -10.23 9.56 20.43
CA ALA B 44 -10.74 10.93 20.45
C ALA B 44 -10.54 11.60 21.81
N ASN B 45 -10.05 10.83 22.77
CA ASN B 45 -9.96 11.29 24.14
C ASN B 45 -11.29 11.89 24.65
N VAL B 46 -12.38 11.13 24.49
CA VAL B 46 -13.67 11.52 25.04
C VAL B 46 -14.22 10.36 25.85
N PRO B 47 -15.21 10.63 26.72
CA PRO B 47 -15.74 9.51 27.48
C PRO B 47 -16.40 8.50 26.55
N VAL B 48 -16.33 7.22 26.92
CA VAL B 48 -16.89 6.18 26.06
C VAL B 48 -18.38 6.41 25.86
N GLY B 49 -19.04 6.87 26.90
CA GLY B 49 -20.47 7.08 26.86
C GLY B 49 -20.87 8.10 25.82
N SER B 50 -19.98 9.05 25.54
CA SER B 50 -20.28 10.03 24.52
C SER B 50 -20.33 9.38 23.14
N THR B 51 -19.48 8.39 22.90
CA THR B 51 -19.47 7.73 21.60
C THR B 51 -20.73 6.89 21.40
N THR B 52 -21.23 6.27 22.47
CA THR B 52 -22.43 5.46 22.34
C THR B 52 -23.66 6.33 22.21
N TYR B 53 -23.57 7.55 22.69
CA TYR B 53 -24.67 8.48 22.54
C TYR B 53 -24.81 8.89 21.09
N TYR B 54 -23.71 9.31 20.47
CA TYR B 54 -23.73 9.73 19.08
C TYR B 54 -23.87 8.55 18.14
N PHE B 55 -23.29 7.42 18.50
CA PHE B 55 -23.23 6.28 17.58
C PHE B 55 -23.36 4.95 18.30
N ASN B 56 -24.52 4.67 18.89
CA ASN B 56 -24.68 3.40 19.58
C ASN B 56 -24.57 2.26 18.58
N ASP B 57 -25.06 2.52 17.39
CA ASP B 57 -24.99 1.56 16.30
C ASP B 57 -23.65 1.78 15.57
N LEU B 58 -22.70 0.87 15.76
CA LEU B 58 -21.37 1.07 15.16
C LEU B 58 -21.40 1.15 13.64
N ASP B 59 -22.40 0.53 13.01
CA ASP B 59 -22.53 0.62 11.56
C ASP B 59 -22.81 2.06 11.11
N ALA B 60 -23.49 2.83 11.94
CA ALA B 60 -23.73 4.24 11.65
C ALA B 60 -22.42 5.01 11.75
N LEU B 61 -21.55 4.61 12.68
CA LEU B 61 -20.25 5.25 12.79
C LEU B 61 -19.36 4.88 11.60
N ARG B 62 -19.37 3.61 11.22
CA ARG B 62 -18.63 3.16 10.03
C ARG B 62 -19.04 3.95 8.80
N GLU B 63 -20.36 4.08 8.59
CA GLU B 63 -20.87 4.85 7.46
C GLU B 63 -20.42 6.31 7.53
N ALA B 64 -20.55 6.94 8.69
CA ALA B 64 -20.15 8.33 8.86
C ALA B 64 -18.65 8.55 8.62
N ALA B 65 -17.84 7.66 9.19
CA ALA B 65 -16.40 7.75 9.04
C ALA B 65 -15.96 7.62 7.57
N LEU B 66 -16.46 6.60 6.89
CA LEU B 66 -16.09 6.39 5.49
C LEU B 66 -16.56 7.57 4.64
N ALA B 67 -17.73 8.10 4.95
CA ALA B 67 -18.28 9.22 4.18
C ALA B 67 -17.43 10.47 4.40
N HIS B 68 -16.97 10.66 5.63
CA HIS B 68 -16.09 11.77 5.93
C HIS B 68 -14.80 11.63 5.10
N ALA B 69 -14.19 10.45 5.13
CA ALA B 69 -13.00 10.18 4.33
C ALA B 69 -13.26 10.39 2.84
N ALA B 70 -14.41 9.95 2.35
CA ALA B 70 -14.76 10.11 0.94
C ALA B 70 -14.82 11.58 0.53
N ASN B 71 -15.43 12.40 1.37
CA ASN B 71 -15.55 13.82 1.09
C ASN B 71 -14.19 14.51 1.02
N ALA B 72 -13.31 14.10 1.94
CA ALA B 72 -11.97 14.65 1.98
C ALA B 72 -11.18 14.24 0.72
N SER B 73 -11.30 12.98 0.33
CA SER B 73 -10.67 12.50 -0.90
C SER B 73 -11.16 13.25 -2.14
N ALA B 74 -12.48 13.34 -2.27
CA ALA B 74 -13.10 14.04 -3.38
C ALA B 74 -12.63 15.50 -3.39
N ASP B 75 -12.62 16.11 -2.21
CA ASP B 75 -12.30 17.53 -2.13
C ASP B 75 -10.84 17.77 -2.53
N LEU B 76 -9.96 16.89 -2.06
CA LEU B 76 -8.55 17.00 -2.39
C LEU B 76 -8.30 16.92 -3.88
N LEU B 77 -8.90 15.93 -4.56
CA LEU B 77 -8.76 15.79 -6.01
C LEU B 77 -9.28 17.02 -6.74
N ALA B 78 -10.34 17.61 -6.20
CA ALA B 78 -10.85 18.84 -6.81
C ALA B 78 -9.77 19.93 -6.74
N GLN B 79 -9.04 19.97 -5.63
CA GLN B 79 -8.00 20.98 -5.44
C GLN B 79 -6.85 20.71 -6.40
N TRP B 80 -6.52 19.43 -6.58
CA TRP B 80 -5.49 19.05 -7.55
C TRP B 80 -5.90 19.52 -8.93
N ARG B 81 -7.17 19.34 -9.25
CA ARG B 81 -7.68 19.78 -10.55
C ARG B 81 -7.46 21.28 -10.76
N SER B 82 -7.83 22.08 -9.76
CA SER B 82 -7.64 23.53 -9.86
C SER B 82 -6.17 23.86 -10.06
N ASP B 83 -5.32 23.28 -9.23
CA ASP B 83 -3.89 23.58 -9.31
C ASP B 83 -3.27 23.21 -10.65
N LEU B 84 -3.67 22.06 -11.19
CA LEU B 84 -3.19 21.63 -12.51
C LEU B 84 -3.64 22.55 -13.63
N ASP B 85 -4.84 23.10 -13.51
CA ASP B 85 -5.39 23.98 -14.54
C ASP B 85 -4.66 25.33 -14.55
N LYS B 86 -3.97 25.65 -13.47
CA LYS B 86 -3.32 26.94 -13.35
C LYS B 86 -1.84 26.88 -13.68
N ASP B 87 -1.33 25.71 -14.01
CA ASP B 87 0.11 25.59 -14.26
C ASP B 87 0.38 24.88 -15.59
N ARG B 88 1.36 25.39 -16.35
CA ARG B 88 1.68 24.80 -17.63
C ARG B 88 2.64 23.59 -17.51
N ASP B 89 3.28 23.44 -16.34
CA ASP B 89 4.25 22.35 -16.15
C ASP B 89 3.59 21.24 -15.33
N LEU B 90 2.98 20.29 -16.04
CA LEU B 90 2.21 19.26 -15.36
C LEU B 90 3.09 18.41 -14.45
N ALA B 91 4.27 18.01 -14.94
CA ALA B 91 5.10 17.11 -14.14
C ALA B 91 5.52 17.76 -12.83
N ALA B 92 5.94 19.02 -12.89
CA ALA B 92 6.38 19.71 -11.68
C ALA B 92 5.23 19.95 -10.73
N THR B 93 4.05 20.22 -11.30
CA THR B 93 2.88 20.49 -10.47
C THR B 93 2.42 19.23 -9.74
N LEU B 94 2.34 18.11 -10.47
CA LEU B 94 2.00 16.83 -9.84
C LEU B 94 3.04 16.45 -8.80
N ALA B 95 4.31 16.75 -9.07
CA ALA B 95 5.33 16.40 -8.10
C ALA B 95 5.18 17.20 -6.79
N ARG B 96 4.89 18.49 -6.91
CA ARG B 96 4.74 19.31 -5.71
C ARG B 96 3.53 18.87 -4.92
N LEU B 97 2.45 18.52 -5.62
CA LEU B 97 1.24 17.98 -4.99
C LEU B 97 1.52 16.65 -4.27
N THR B 98 2.35 15.82 -4.89
CA THR B 98 2.71 14.54 -4.26
C THR B 98 3.60 14.76 -3.05
N THR B 99 4.49 15.75 -3.12
CA THR B 99 5.35 16.05 -1.98
C THR B 99 4.52 16.51 -0.77
N VAL B 100 3.54 17.37 -1.03
CA VAL B 100 2.65 17.85 0.03
C VAL B 100 1.87 16.70 0.65
N TYR B 101 1.41 15.80 -0.21
CA TYR B 101 0.65 14.64 0.24
C TYR B 101 1.49 13.72 1.14
N LEU B 102 2.73 13.47 0.74
CA LEU B 102 3.62 12.64 1.52
C LEU B 102 3.94 13.29 2.87
N ALA B 103 4.12 14.60 2.84
CA ALA B 103 4.55 15.34 4.03
C ALA B 103 3.43 15.58 5.03
N ASP B 104 2.18 15.55 4.56
CA ASP B 104 1.05 15.89 5.42
C ASP B 104 0.89 14.93 6.60
N GLN B 105 0.66 15.50 7.77
CA GLN B 105 0.45 14.72 8.98
C GLN B 105 -0.96 14.85 9.58
N ASP B 106 -1.89 15.42 8.82
CA ASP B 106 -3.21 15.72 9.36
C ASP B 106 -4.39 15.22 8.51
N ARG B 107 -4.60 13.91 8.47
CA ARG B 107 -5.79 13.32 7.85
C ARG B 107 -5.60 13.15 6.35
N TYR B 108 -4.51 13.71 5.86
CA TYR B 108 -3.86 13.38 4.62
C TYR B 108 -3.24 12.04 4.91
N ARG B 109 -2.65 11.97 6.09
CA ARG B 109 -2.01 10.78 6.60
C ARG B 109 -3.04 9.69 6.85
N THR B 110 -4.18 10.08 7.41
CA THR B 110 -5.24 9.12 7.69
C THR B 110 -5.82 8.60 6.39
N LEU B 111 -6.00 9.49 5.43
CA LEU B 111 -6.60 9.13 4.17
C LEU B 111 -5.67 8.13 3.52
N ASN B 112 -4.38 8.38 3.63
CA ASN B 112 -3.40 7.47 3.04
C ASN B 112 -3.39 6.16 3.77
N GLU B 113 -3.54 6.20 5.09
CA GLU B 113 -3.53 4.95 5.84
C GLU B 113 -4.78 4.13 5.50
N LEU B 114 -5.90 4.83 5.34
CA LEU B 114 -7.15 4.17 4.97
C LEU B 114 -7.02 3.53 3.60
N TYR B 115 -6.32 4.24 2.70
CA TYR B 115 -6.09 3.76 1.34
C TYR B 115 -5.26 2.49 1.36
N MET B 116 -4.16 2.49 2.08
CA MET B 116 -3.32 1.31 2.12
C MET B 116 -4.04 0.14 2.85
N ALA B 117 -4.89 0.45 3.82
CA ALA B 117 -5.65 -0.59 4.53
C ALA B 117 -6.62 -1.30 3.58
N ALA B 118 -7.11 -0.57 2.58
CA ALA B 118 -8.04 -1.12 1.60
C ALA B 118 -7.41 -2.21 0.72
N ALA B 119 -6.09 -2.23 0.62
CA ALA B 119 -5.41 -3.12 -0.31
C ALA B 119 -5.78 -4.57 -0.02
N HIS B 120 -5.91 -4.91 1.26
CA HIS B 120 -6.34 -6.25 1.66
C HIS B 120 -7.58 -6.25 2.52
N ARG B 121 -8.38 -5.19 2.44
CA ARG B 121 -9.67 -5.13 3.12
C ARG B 121 -10.72 -4.65 2.14
N PRO B 122 -11.41 -5.60 1.50
CA PRO B 122 -12.29 -5.29 0.37
C PRO B 122 -13.39 -4.32 0.71
N GLU B 123 -13.78 -4.34 1.98
CA GLU B 123 -14.85 -3.49 2.49
C GLU B 123 -14.49 -2.01 2.41
N LEU B 124 -13.21 -1.68 2.32
CA LEU B 124 -12.76 -0.30 2.23
C LEU B 124 -12.41 0.13 0.82
N GLN B 125 -12.54 -0.78 -0.14
CA GLN B 125 -12.09 -0.47 -1.50
C GLN B 125 -12.99 0.51 -2.25
N ARG B 126 -14.30 0.52 -1.99
CA ARG B 126 -15.13 1.54 -2.63
C ARG B 126 -14.66 2.95 -2.28
N LEU B 127 -14.32 3.16 -1.02
CA LEU B 127 -13.74 4.44 -0.59
C LEU B 127 -12.40 4.67 -1.27
N ALA B 128 -11.53 3.66 -1.21
CA ALA B 128 -10.18 3.80 -1.72
C ALA B 128 -10.15 4.13 -3.22
N ARG B 129 -11.02 3.50 -3.98
CA ARG B 129 -11.02 3.63 -5.43
C ARG B 129 -11.32 5.02 -5.93
N LEU B 130 -11.95 5.83 -5.09
CA LEU B 130 -12.22 7.22 -5.45
C LEU B 130 -10.97 7.91 -5.96
N TRP B 131 -9.85 7.64 -5.30
CA TRP B 131 -8.62 8.34 -5.60
C TRP B 131 -7.99 7.97 -6.96
N PRO B 132 -7.63 6.69 -7.16
CA PRO B 132 -7.09 6.34 -8.47
C PRO B 132 -8.09 6.58 -9.61
N ASP B 133 -9.38 6.35 -9.37
CA ASP B 133 -10.37 6.61 -10.43
C ASP B 133 -10.40 8.09 -10.80
N GLY B 134 -10.34 8.94 -9.78
CA GLY B 134 -10.43 10.37 -9.96
C GLY B 134 -9.18 10.96 -10.60
N LEU B 135 -8.02 10.46 -10.20
CA LEU B 135 -6.77 10.92 -10.76
C LEU B 135 -6.69 10.53 -12.23
N LEU B 136 -7.10 9.31 -12.55
CA LEU B 136 -7.15 8.84 -13.94
C LEU B 136 -8.08 9.73 -14.76
N ALA B 137 -9.24 10.04 -14.19
CA ALA B 137 -10.22 10.88 -14.86
C ALA B 137 -9.65 12.28 -15.06
N LEU B 138 -8.89 12.74 -14.09
CA LEU B 138 -8.28 14.07 -14.14
C LEU B 138 -7.20 14.14 -15.22
N LEU B 139 -6.39 13.09 -15.31
CA LEU B 139 -5.19 13.09 -16.15
C LEU B 139 -5.39 12.63 -17.59
N GLU B 140 -6.35 11.75 -17.80
CA GLU B 140 -6.50 11.10 -19.10
C GLU B 140 -6.72 12.09 -20.24
N PRO B 141 -7.53 13.14 -20.03
CA PRO B 141 -7.74 14.14 -21.10
C PRO B 141 -6.51 14.99 -21.36
N ARG B 142 -5.53 14.94 -20.47
CA ARG B 142 -4.35 15.78 -20.58
C ARG B 142 -3.18 15.01 -21.20
N ILE B 143 -2.97 13.78 -20.74
CA ILE B 143 -1.75 13.06 -21.12
C ILE B 143 -2.02 11.69 -21.73
N GLY B 144 -3.29 11.35 -21.90
CA GLY B 144 -3.65 10.06 -22.47
C GLY B 144 -3.81 9.01 -21.40
N ARG B 145 -4.54 7.96 -21.74
CA ARG B 145 -4.89 6.93 -20.78
C ARG B 145 -3.64 6.17 -20.30
N ARG B 146 -2.75 5.84 -21.22
CA ARG B 146 -1.55 5.11 -20.82
C ARG B 146 -0.72 5.91 -19.79
N ALA B 147 -0.42 7.16 -20.10
CA ALA B 147 0.39 7.98 -19.19
C ALA B 147 -0.34 8.25 -17.88
N ALA B 148 -1.65 8.46 -17.96
CA ALA B 148 -2.44 8.73 -16.77
C ALA B 148 -2.39 7.53 -15.82
N ASN B 149 -2.48 6.33 -16.39
CA ASN B 149 -2.37 5.12 -15.59
C ASN B 149 -0.98 4.93 -14.97
N ALA B 150 0.06 5.15 -15.75
CA ALA B 150 1.43 5.01 -15.25
C ALA B 150 1.72 6.00 -14.13
N VAL B 151 1.26 7.23 -14.29
CA VAL B 151 1.45 8.24 -13.25
C VAL B 151 0.64 7.92 -11.97
N THR B 152 -0.59 7.47 -12.10
CA THR B 152 -1.38 7.10 -10.91
C THR B 152 -0.74 5.94 -10.15
N VAL B 153 -0.17 5.00 -10.90
CA VAL B 153 0.54 3.90 -10.29
C VAL B 153 1.81 4.38 -9.56
N PHE B 154 2.58 5.24 -10.23
CA PHE B 154 3.80 5.79 -9.61
C PHE B 154 3.47 6.57 -8.35
N PHE B 155 2.36 7.32 -8.39
CA PHE B 155 1.92 8.04 -7.18
C PHE B 155 1.68 7.09 -6.01
N ASP B 156 0.95 6.00 -6.26
CA ASP B 156 0.74 4.99 -5.22
C ASP B 156 2.06 4.46 -4.70
N GLY B 157 2.99 4.20 -5.61
CA GLY B 157 4.31 3.72 -5.25
C GLY B 157 5.08 4.71 -4.40
N ALA B 158 5.02 5.99 -4.76
CA ALA B 158 5.82 7.00 -4.08
C ALA B 158 5.44 7.05 -2.61
N THR B 159 4.13 7.03 -2.35
CA THR B 159 3.63 7.12 -0.97
C THR B 159 3.95 5.85 -0.18
N LEU B 160 3.71 4.69 -0.78
CA LEU B 160 3.96 3.42 -0.09
C LEU B 160 5.43 3.21 0.20
N HIS B 161 6.25 3.40 -0.83
CA HIS B 161 7.68 3.16 -0.73
C HIS B 161 8.32 4.10 0.31
N ALA B 162 7.87 5.35 0.35
CA ALA B 162 8.40 6.32 1.31
C ALA B 162 8.22 5.84 2.74
N LEU B 163 7.05 5.29 3.04
CA LEU B 163 6.73 4.84 4.39
C LEU B 163 7.48 3.54 4.72
N ILE B 164 7.49 2.59 3.78
CA ILE B 164 8.19 1.32 4.00
C ILE B 164 9.68 1.52 4.23
N THR B 165 10.33 2.24 3.32
CA THR B 165 11.77 2.40 3.38
C THR B 165 12.21 3.54 4.30
N GLY B 166 11.25 4.36 4.72
CA GLY B 166 11.52 5.43 5.68
C GLY B 166 12.19 6.65 5.07
N THR B 167 12.16 6.77 3.75
CA THR B 167 12.79 7.89 3.06
C THR B 167 11.99 8.25 1.80
N PRO B 168 11.67 9.54 1.61
CA PRO B 168 10.84 9.93 0.46
C PRO B 168 11.66 10.34 -0.77
N LEU B 169 11.08 10.26 -1.97
CA LEU B 169 11.72 10.86 -3.13
C LEU B 169 11.62 12.37 -2.97
N SER B 170 12.61 13.12 -3.44
CA SER B 170 12.53 14.58 -3.41
C SER B 170 11.57 15.06 -4.49
N THR B 171 11.11 16.30 -4.39
CA THR B 171 10.19 16.85 -5.38
C THR B 171 10.93 16.81 -6.72
N ASP B 172 12.24 17.08 -6.70
CA ASP B 172 12.99 17.01 -7.96
C ASP B 172 13.00 15.60 -8.56
N GLU B 173 13.20 14.60 -7.71
CA GLU B 173 13.19 13.22 -8.17
C GLU B 173 11.81 12.81 -8.67
N LEU B 174 10.76 13.23 -7.96
CA LEU B 174 9.40 13.00 -8.41
C LEU B 174 9.14 13.67 -9.74
N THR B 175 9.61 14.90 -9.88
CA THR B 175 9.42 15.61 -11.13
C THR B 175 10.04 14.85 -12.30
N ASP B 176 11.28 14.38 -12.11
CA ASP B 176 11.99 13.67 -13.15
C ASP B 176 11.25 12.40 -13.59
N ALA B 177 10.79 11.61 -12.62
CA ALA B 177 10.10 10.36 -12.92
C ALA B 177 8.78 10.62 -13.62
N ILE B 178 8.02 11.57 -13.10
CA ILE B 178 6.74 11.88 -13.71
C ILE B 178 6.93 12.43 -15.14
N ALA B 179 7.92 13.31 -15.32
CA ALA B 179 8.25 13.82 -16.65
C ALA B 179 8.53 12.67 -17.62
N ARG B 180 9.30 11.69 -17.16
CA ARG B 180 9.61 10.51 -17.96
C ARG B 180 8.36 9.72 -18.37
N LEU B 181 7.40 9.61 -17.47
CA LEU B 181 6.18 8.85 -17.71
C LEU B 181 5.20 9.58 -18.65
N VAL B 182 5.22 10.91 -18.65
CA VAL B 182 4.27 11.66 -19.46
C VAL B 182 4.80 12.15 -20.80
N ALA B 183 6.12 12.14 -20.97
CA ALA B 183 6.71 12.62 -22.22
C ALA B 183 6.14 11.89 -23.44
N ASP B 184 6.07 12.58 -24.58
CA ASP B 184 5.74 11.92 -25.83
C ASP B 184 6.78 10.84 -26.16
N GLY B 185 6.32 9.73 -26.73
CA GLY B 185 7.21 8.63 -27.06
C GLY B 185 7.69 8.66 -28.50
#